data_4R7S
#
_entry.id   4R7S
#
_cell.length_a   39.676
_cell.length_b   72.540
_cell.length_c   109.341
_cell.angle_alpha   90.000
_cell.angle_beta   90.000
_cell.angle_gamma   90.000
#
_symmetry.space_group_name_H-M   'P 21 21 21'
#
loop_
_entity.id
_entity.type
_entity.pdbx_description
1 polymer 'Tetratricopeptide repeat protein'
2 non-polymer 'NITRATE ION'
3 non-polymer DI(HYDROXYETHYL)ETHER
4 non-polymer 1,2-ETHANEDIOL
5 water water
#
_entity_poly.entity_id   1
_entity_poly.type   'polypeptide(L)'
_entity_poly.pdbx_seq_one_letter_code
;GQSYEELIEKSYDFVDKGDLVSAEESLKAA(MSE)RKEPANPLNYALLTNLGTIQRRQGKLQEALISYTSALSGHTKNIT
ILENRASLYTELGETEKALNDYNTLLIENPEHQEALYCRGLLYIQLQNY(MSE)WAEQDFDKILEVNEKSVRARLGHAIL
EK(MSE)RGNYDESERIFNYLISE(MSE)PRDWILYEGRADLYF(MSE)(MSE)GKNARA(MSE)ADIEKVFTESEPTAN
LYVLRGKIKLAQYEKERAALDFKKAES(MSE)GYNKEVIKELLKLT(MSE)NN
;
_entity_poly.pdbx_strand_id   A
#
loop_
_chem_comp.id
_chem_comp.type
_chem_comp.name
_chem_comp.formula
EDO non-polymer 1,2-ETHANEDIOL 'C2 H6 O2'
NO3 non-polymer 'NITRATE ION' 'N O3 -1'
PEG non-polymer DI(HYDROXYETHYL)ETHER 'C4 H10 O3'
#
# COMPACT_ATOMS: atom_id res chain seq x y z
N GLY A 1 -37.21 7.13 3.88
CA GLY A 1 -38.04 7.79 2.88
C GLY A 1 -37.62 7.53 1.44
N GLN A 2 -38.51 7.87 0.50
CA GLN A 2 -38.38 7.67 -0.94
C GLN A 2 -37.29 8.56 -1.58
N SER A 3 -37.25 9.87 -1.23
CA SER A 3 -36.26 10.83 -1.74
C SER A 3 -34.84 10.40 -1.33
N TYR A 4 -34.67 10.00 -0.05
CA TYR A 4 -33.43 9.52 0.52
C TYR A 4 -32.94 8.29 -0.26
N GLU A 5 -33.84 7.33 -0.50
CA GLU A 5 -33.53 6.10 -1.24
C GLU A 5 -33.16 6.38 -2.69
N GLU A 6 -33.86 7.31 -3.36
CA GLU A 6 -33.59 7.63 -4.77
C GLU A 6 -32.23 8.31 -4.95
N LEU A 7 -31.85 9.12 -3.95
CA LEU A 7 -30.55 9.82 -3.93
C LEU A 7 -29.44 8.78 -3.74
N ILE A 8 -29.64 7.80 -2.84
CA ILE A 8 -28.70 6.71 -2.64
C ILE A 8 -28.57 5.88 -3.92
N GLU A 9 -29.71 5.60 -4.56
CA GLU A 9 -29.76 4.86 -5.82
C GLU A 9 -28.97 5.61 -6.92
N LYS A 10 -29.13 6.96 -7.03
CA LYS A 10 -28.36 7.74 -8.01
C LYS A 10 -26.85 7.67 -7.71
N SER A 11 -26.48 7.65 -6.39
CA SER A 11 -25.07 7.58 -6.01
C SER A 11 -24.46 6.27 -6.54
N TYR A 12 -25.18 5.14 -6.40
CA TYR A 12 -24.72 3.84 -6.89
C TYR A 12 -24.54 3.86 -8.42
N ASP A 13 -25.58 4.34 -9.16
CA ASP A 13 -25.50 4.39 -10.61
CA ASP A 13 -25.54 4.44 -10.62
C ASP A 13 -24.34 5.30 -11.05
N PHE A 14 -24.10 6.44 -10.33
CA PHE A 14 -22.98 7.35 -10.65
C PHE A 14 -21.60 6.70 -10.35
N VAL A 15 -21.53 5.86 -9.31
CA VAL A 15 -20.31 5.14 -8.99
C VAL A 15 -20.05 4.13 -10.12
N ASP A 16 -21.11 3.45 -10.59
CA ASP A 16 -20.96 2.47 -11.66
C ASP A 16 -20.52 3.16 -12.97
N LYS A 17 -20.90 4.44 -13.20
CA LYS A 17 -20.50 5.18 -14.40
C LYS A 17 -19.12 5.82 -14.26
N GLY A 18 -18.50 5.77 -13.08
CA GLY A 18 -17.23 6.42 -12.78
C GLY A 18 -17.35 7.92 -12.44
N ASP A 19 -18.58 8.42 -12.32
CA ASP A 19 -18.85 9.82 -12.00
C ASP A 19 -18.83 10.03 -10.48
N LEU A 20 -17.61 10.06 -9.93
CA LEU A 20 -17.42 10.21 -8.49
C LEU A 20 -17.88 11.59 -7.95
N VAL A 21 -17.85 12.65 -8.79
CA VAL A 21 -18.22 14.02 -8.40
C VAL A 21 -19.72 14.02 -8.11
N SER A 22 -20.50 13.46 -9.04
CA SER A 22 -21.94 13.38 -8.89
C SER A 22 -22.33 12.37 -7.81
N ALA A 23 -21.64 11.21 -7.73
CA ALA A 23 -21.92 10.21 -6.69
C ALA A 23 -21.78 10.84 -5.28
N GLU A 24 -20.70 11.64 -5.06
CA GLU A 24 -20.42 12.40 -3.84
C GLU A 24 -21.58 13.33 -3.47
N GLU A 25 -22.07 14.11 -4.45
CA GLU A 25 -23.18 15.05 -4.26
C GLU A 25 -24.49 14.34 -3.90
N SER A 26 -24.80 13.22 -4.57
CA SER A 26 -26.01 12.43 -4.27
C SER A 26 -25.99 11.95 -2.82
N LEU A 27 -24.83 11.48 -2.33
CA LEU A 27 -24.65 11.03 -0.95
C LEU A 27 -24.84 12.17 0.05
N LYS A 28 -24.21 13.33 -0.23
CA LYS A 28 -24.32 14.54 0.58
C LYS A 28 -25.75 15.01 0.62
N ALA A 29 -26.44 14.95 -0.54
CA ALA A 29 -27.84 15.37 -0.65
C ALA A 29 -28.74 14.42 0.15
N ALA A 30 -28.51 13.11 0.03
CA ALA A 30 -29.29 12.14 0.78
C ALA A 30 -29.20 12.44 2.27
N MSE A 31 -27.99 12.71 2.78
CA MSE A 31 -27.77 13.02 4.20
C MSE A 31 -28.34 14.36 4.66
O MSE A 31 -28.62 14.52 5.86
CB MSE A 31 -26.30 12.91 4.52
CG MSE A 31 -25.92 11.46 4.65
SE MSE A 31 -24.10 11.23 5.12
CE MSE A 31 -24.06 12.49 6.75
N ARG A 32 -28.56 15.32 3.75
CA ARG A 32 -29.23 16.57 4.12
C ARG A 32 -30.71 16.33 4.22
N LYS A 33 -31.25 15.35 3.44
CA LYS A 33 -32.69 15.02 3.44
C LYS A 33 -33.07 14.32 4.74
N GLU A 34 -32.28 13.34 5.20
CA GLU A 34 -32.56 12.63 6.45
C GLU A 34 -31.34 12.70 7.38
N PRO A 35 -31.09 13.89 7.99
CA PRO A 35 -29.89 14.05 8.84
C PRO A 35 -29.79 13.08 10.03
N ALA A 36 -30.95 12.68 10.57
CA ALA A 36 -31.03 11.78 11.74
C ALA A 36 -31.09 10.28 11.35
N ASN A 37 -31.08 9.94 10.04
CA ASN A 37 -31.15 8.53 9.64
C ASN A 37 -30.00 7.74 10.24
N PRO A 38 -30.29 6.66 11.01
CA PRO A 38 -29.19 5.90 11.64
C PRO A 38 -28.35 5.08 10.65
N LEU A 39 -28.83 4.89 9.40
CA LEU A 39 -28.07 4.16 8.39
C LEU A 39 -27.05 5.09 7.70
N ASN A 40 -26.96 6.35 8.15
CA ASN A 40 -26.07 7.35 7.56
C ASN A 40 -24.61 6.98 7.63
N TYR A 41 -24.19 6.25 8.69
CA TYR A 41 -22.79 5.82 8.86
C TYR A 41 -22.34 4.98 7.61
N ALA A 42 -23.28 4.28 6.97
CA ALA A 42 -22.96 3.51 5.79
C ALA A 42 -22.74 4.42 4.61
N LEU A 43 -23.52 5.50 4.54
CA LEU A 43 -23.42 6.48 3.47
C LEU A 43 -22.11 7.22 3.60
N LEU A 44 -21.71 7.56 4.86
CA LEU A 44 -20.46 8.24 5.15
C LEU A 44 -19.25 7.37 4.78
N THR A 45 -19.38 6.04 4.88
CA THR A 45 -18.30 5.11 4.52
C THR A 45 -18.06 5.20 3.02
N ASN A 46 -19.15 5.03 2.19
CA ASN A 46 -19.15 5.14 0.73
C ASN A 46 -18.58 6.48 0.29
N LEU A 47 -19.05 7.57 0.90
CA LEU A 47 -18.60 8.95 0.64
C LEU A 47 -17.09 9.05 0.86
N GLY A 48 -16.61 8.53 1.99
CA GLY A 48 -15.19 8.51 2.30
C GLY A 48 -14.36 7.88 1.19
N THR A 49 -14.80 6.69 0.69
CA THR A 49 -14.12 5.96 -0.37
C THR A 49 -14.18 6.73 -1.71
N ILE A 50 -15.37 7.30 -2.05
CA ILE A 50 -15.60 8.11 -3.25
C ILE A 50 -14.67 9.36 -3.23
N GLN A 51 -14.57 10.01 -2.05
CA GLN A 51 -13.72 11.17 -1.81
C GLN A 51 -12.24 10.80 -1.93
N ARG A 52 -11.85 9.63 -1.39
CA ARG A 52 -10.46 9.14 -1.45
C ARG A 52 -10.05 8.85 -2.90
N ARG A 53 -10.95 8.22 -3.70
CA ARG A 53 -10.71 7.89 -5.10
C ARG A 53 -10.64 9.16 -5.99
N GLN A 54 -10.92 10.34 -5.42
CA GLN A 54 -10.83 11.64 -6.09
C GLN A 54 -9.57 12.38 -5.67
N GLY A 55 -8.88 11.84 -4.65
CA GLY A 55 -7.68 12.44 -4.08
C GLY A 55 -7.98 13.43 -2.98
N LYS A 56 -9.27 13.60 -2.63
CA LYS A 56 -9.74 14.48 -1.56
C LYS A 56 -9.53 13.73 -0.21
N LEU A 57 -8.24 13.50 0.10
CA LEU A 57 -7.78 12.70 1.23
C LEU A 57 -8.17 13.29 2.60
N GLN A 58 -8.01 14.61 2.82
CA GLN A 58 -8.39 15.21 4.10
C GLN A 58 -9.90 15.11 4.32
N GLU A 59 -10.71 15.30 3.25
CA GLU A 59 -12.19 15.21 3.27
C GLU A 59 -12.63 13.78 3.60
N ALA A 60 -12.02 12.81 2.91
CA ALA A 60 -12.26 11.39 3.07
C ALA A 60 -12.01 10.97 4.51
N LEU A 61 -10.96 11.55 5.15
CA LEU A 61 -10.66 11.25 6.54
C LEU A 61 -11.80 11.71 7.44
N ILE A 62 -12.37 12.89 7.17
CA ILE A 62 -13.47 13.43 7.97
C ILE A 62 -14.72 12.51 7.83
N SER A 63 -15.00 12.03 6.60
CA SER A 63 -16.14 11.15 6.33
C SER A 63 -15.99 9.80 7.10
N TYR A 64 -14.80 9.18 7.02
CA TYR A 64 -14.51 7.94 7.75
C TYR A 64 -14.57 8.15 9.26
N THR A 65 -14.06 9.29 9.76
CA THR A 65 -14.08 9.62 11.17
C THR A 65 -15.54 9.72 11.66
N SER A 66 -16.42 10.33 10.83
CA SER A 66 -17.84 10.50 11.12
C SER A 66 -18.54 9.16 11.14
N ALA A 67 -18.29 8.32 10.12
CA ALA A 67 -18.86 6.96 10.00
C ALA A 67 -18.49 6.09 11.22
N LEU A 68 -17.24 6.21 11.68
CA LEU A 68 -16.70 5.42 12.79
C LEU A 68 -17.37 5.79 14.14
N SER A 69 -17.73 7.07 14.32
CA SER A 69 -18.37 7.66 15.51
C SER A 69 -19.29 6.70 16.37
N GLY A 70 -20.32 6.12 15.76
CA GLY A 70 -21.19 5.22 16.52
C GLY A 70 -20.91 3.76 16.31
N HIS A 71 -19.90 3.44 15.46
CA HIS A 71 -19.54 2.10 15.03
C HIS A 71 -18.03 1.90 15.08
N THR A 72 -17.43 2.16 16.26
CA THR A 72 -15.99 2.12 16.55
C THR A 72 -15.27 0.78 16.27
N LYS A 73 -16.02 -0.33 16.10
CA LYS A 73 -15.36 -1.61 15.87
C LYS A 73 -15.76 -2.25 14.49
N ASN A 74 -16.20 -1.37 13.54
CA ASN A 74 -16.55 -1.74 12.17
C ASN A 74 -15.27 -1.96 11.34
N ILE A 75 -15.02 -3.22 11.00
CA ILE A 75 -13.88 -3.73 10.22
C ILE A 75 -13.66 -2.89 8.96
N THR A 76 -14.73 -2.66 8.14
CA THR A 76 -14.64 -1.89 6.89
C THR A 76 -14.15 -0.48 7.14
N ILE A 77 -14.79 0.27 8.03
CA ILE A 77 -14.40 1.66 8.33
C ILE A 77 -12.95 1.70 8.86
N LEU A 78 -12.57 0.79 9.78
CA LEU A 78 -11.23 0.76 10.37
C LEU A 78 -10.18 0.43 9.34
N GLU A 79 -10.46 -0.56 8.49
CA GLU A 79 -9.57 -0.99 7.41
C GLU A 79 -9.38 0.14 6.38
N ASN A 80 -10.45 0.86 6.03
CA ASN A 80 -10.31 1.93 5.04
C ASN A 80 -9.62 3.17 5.61
N ARG A 81 -9.95 3.58 6.83
CA ARG A 81 -9.33 4.75 7.48
C ARG A 81 -7.86 4.47 7.84
N ALA A 82 -7.54 3.23 8.27
CA ALA A 82 -6.14 2.90 8.57
C ALA A 82 -5.31 2.98 7.28
N SER A 83 -5.88 2.49 6.16
CA SER A 83 -5.26 2.55 4.83
C SER A 83 -5.10 4.01 4.40
N LEU A 84 -6.10 4.84 4.69
CA LEU A 84 -6.04 6.25 4.36
C LEU A 84 -4.95 6.94 5.19
N TYR A 85 -4.85 6.62 6.51
CA TYR A 85 -3.82 7.17 7.40
C TYR A 85 -2.42 6.88 6.87
N THR A 86 -2.22 5.65 6.37
CA THR A 86 -0.97 5.18 5.79
C THR A 86 -0.60 6.05 4.59
N GLU A 87 -1.60 6.33 3.71
CA GLU A 87 -1.44 7.16 2.52
C GLU A 87 -1.10 8.62 2.92
N LEU A 88 -1.61 9.08 4.09
CA LEU A 88 -1.34 10.42 4.61
C LEU A 88 -0.03 10.45 5.42
N GLY A 89 0.61 9.30 5.58
CA GLY A 89 1.85 9.17 6.36
C GLY A 89 1.65 9.29 7.86
N GLU A 90 0.38 9.19 8.33
CA GLU A 90 -0.04 9.21 9.72
C GLU A 90 0.08 7.77 10.27
N THR A 91 1.34 7.32 10.43
CA THR A 91 1.73 5.97 10.82
C THR A 91 1.18 5.56 12.19
N GLU A 92 1.26 6.42 13.20
CA GLU A 92 0.77 6.02 14.53
C GLU A 92 -0.75 5.84 14.51
N LYS A 93 -1.44 6.74 13.78
CA LYS A 93 -2.89 6.72 13.64
C LYS A 93 -3.35 5.46 12.85
N ALA A 94 -2.60 5.07 11.80
CA ALA A 94 -2.92 3.89 11.02
C ALA A 94 -2.80 2.64 11.87
N LEU A 95 -1.66 2.52 12.61
CA LEU A 95 -1.34 1.43 13.52
C LEU A 95 -2.43 1.30 14.59
N ASN A 96 -2.83 2.43 15.21
CA ASN A 96 -3.88 2.44 16.23
C ASN A 96 -5.21 1.84 15.69
N ASP A 97 -5.59 2.15 14.43
CA ASP A 97 -6.80 1.59 13.82
C ASP A 97 -6.66 0.07 13.56
N TYR A 98 -5.43 -0.42 13.14
CA TYR A 98 -5.18 -1.86 12.96
C TYR A 98 -5.20 -2.52 14.32
N ASN A 99 -4.75 -1.82 15.36
CA ASN A 99 -4.76 -2.35 16.71
C ASN A 99 -6.20 -2.52 17.20
N THR A 100 -7.05 -1.53 16.95
CA THR A 100 -8.47 -1.62 17.28
C THR A 100 -9.06 -2.81 16.52
N LEU A 101 -8.82 -2.85 15.20
CA LEU A 101 -9.31 -3.93 14.35
C LEU A 101 -8.86 -5.31 14.83
N LEU A 102 -7.54 -5.51 15.04
CA LEU A 102 -6.95 -6.80 15.39
C LEU A 102 -7.21 -7.25 16.86
N ILE A 103 -7.50 -6.34 17.79
CA ILE A 103 -7.87 -6.78 19.13
C ILE A 103 -9.31 -7.39 19.00
N GLU A 104 -10.15 -6.82 18.10
CA GLU A 104 -11.48 -7.33 17.82
C GLU A 104 -11.42 -8.65 17.04
N ASN A 105 -10.70 -8.66 15.89
CA ASN A 105 -10.54 -9.88 15.06
CA ASN A 105 -10.56 -9.83 15.03
C ASN A 105 -9.06 -10.14 14.89
N PRO A 106 -8.45 -10.93 15.83
CA PRO A 106 -7.02 -11.20 15.72
C PRO A 106 -6.63 -12.03 14.49
N GLU A 107 -7.62 -12.48 13.66
CA GLU A 107 -7.33 -13.31 12.46
C GLU A 107 -7.68 -12.59 11.14
N HIS A 108 -7.89 -11.26 11.16
CA HIS A 108 -8.21 -10.48 9.95
C HIS A 108 -6.92 -10.28 9.13
N GLN A 109 -6.80 -11.05 8.04
CA GLN A 109 -5.61 -11.13 7.19
C GLN A 109 -5.17 -9.81 6.55
N GLU A 110 -6.09 -8.98 6.05
CA GLU A 110 -5.65 -7.70 5.46
C GLU A 110 -5.04 -6.79 6.53
N ALA A 111 -5.66 -6.76 7.73
CA ALA A 111 -5.18 -5.93 8.84
C ALA A 111 -3.79 -6.42 9.33
N LEU A 112 -3.61 -7.75 9.47
CA LEU A 112 -2.36 -8.36 9.89
C LEU A 112 -1.23 -8.01 8.92
N TYR A 113 -1.50 -8.14 7.60
CA TYR A 113 -0.52 -7.85 6.55
C TYR A 113 -0.08 -6.40 6.58
N CYS A 114 -1.04 -5.47 6.67
CA CYS A 114 -0.79 -4.04 6.66
C CYS A 114 -0.09 -3.59 7.93
N ARG A 115 -0.47 -4.14 9.10
CA ARG A 115 0.19 -3.80 10.35
C ARG A 115 1.61 -4.33 10.32
N GLY A 116 1.77 -5.54 9.78
CA GLY A 116 3.08 -6.19 9.61
C GLY A 116 4.06 -5.29 8.88
N LEU A 117 3.64 -4.76 7.73
CA LEU A 117 4.41 -3.82 6.92
C LEU A 117 4.73 -2.56 7.70
N LEU A 118 3.73 -1.98 8.43
CA LEU A 118 3.92 -0.78 9.25
C LEU A 118 4.99 -1.01 10.29
N TYR A 119 4.98 -2.20 10.93
CA TYR A 119 5.94 -2.56 11.95
C TYR A 119 7.35 -2.64 11.34
N ILE A 120 7.47 -3.06 10.05
CA ILE A 120 8.76 -3.12 9.37
C ILE A 120 9.28 -1.68 9.26
N GLN A 121 8.44 -0.80 8.72
CA GLN A 121 8.71 0.62 8.52
C GLN A 121 9.08 1.30 9.83
N LEU A 122 8.48 0.88 10.95
CA LEU A 122 8.75 1.46 12.27
C LEU A 122 9.92 0.78 12.99
N GLN A 123 10.72 -0.06 12.25
CA GLN A 123 11.90 -0.79 12.76
CA GLN A 123 11.89 -0.80 12.75
C GLN A 123 11.47 -1.78 13.88
N ASN A 124 10.18 -2.10 13.98
CA ASN A 124 9.67 -3.05 14.99
C ASN A 124 9.50 -4.48 14.39
N TYR A 125 10.64 -5.13 14.17
CA TYR A 125 10.85 -6.40 13.46
C TYR A 125 10.21 -7.62 14.12
N MSE A 126 10.30 -7.73 15.46
CA MSE A 126 9.69 -8.85 16.16
CA MSE A 126 9.70 -8.83 16.21
C MSE A 126 8.18 -8.82 16.03
O MSE A 126 7.58 -9.88 15.81
CB MSE A 126 10.08 -8.92 17.65
CB MSE A 126 10.09 -8.75 17.71
CG MSE A 126 11.50 -9.49 17.90
CG MSE A 126 11.60 -8.82 17.98
SE MSE A 126 11.94 -11.15 16.90
SE MSE A 126 12.13 -8.77 19.87
CE MSE A 126 10.30 -12.32 17.43
CE MSE A 126 11.53 -6.97 20.33
N TRP A 127 7.56 -7.61 16.11
CA TRP A 127 6.10 -7.55 15.99
C TRP A 127 5.64 -7.80 14.54
N ALA A 128 6.45 -7.41 13.52
CA ALA A 128 6.13 -7.67 12.10
C ALA A 128 6.13 -9.19 11.84
N GLU A 129 7.16 -9.86 12.35
CA GLU A 129 7.36 -11.30 12.26
C GLU A 129 6.12 -12.05 12.78
N GLN A 130 5.60 -11.64 13.96
CA GLN A 130 4.45 -12.26 14.61
C GLN A 130 3.16 -12.08 13.80
N ASP A 131 3.01 -10.94 13.10
CA ASP A 131 1.86 -10.66 12.24
C ASP A 131 1.89 -11.49 10.96
N PHE A 132 3.07 -11.72 10.37
CA PHE A 132 3.16 -12.56 9.16
C PHE A 132 2.98 -14.04 9.55
N ASP A 133 3.46 -14.42 10.75
CA ASP A 133 3.25 -15.79 11.23
C ASP A 133 1.76 -16.05 11.49
N LYS A 134 1.03 -15.06 12.04
CA LYS A 134 -0.41 -15.15 12.32
C LYS A 134 -1.17 -15.46 11.05
N ILE A 135 -0.80 -14.81 9.92
CA ILE A 135 -1.41 -15.05 8.60
C ILE A 135 -1.19 -16.51 8.20
N LEU A 136 0.07 -16.97 8.21
CA LEU A 136 0.42 -18.34 7.84
C LEU A 136 -0.21 -19.42 8.75
N GLU A 137 -0.55 -19.06 9.99
CA GLU A 137 -1.21 -19.94 10.96
C GLU A 137 -2.69 -20.11 10.55
N VAL A 138 -3.31 -19.07 9.91
CA VAL A 138 -4.72 -19.14 9.48
C VAL A 138 -4.82 -19.46 7.97
N ASN A 139 -3.75 -19.26 7.22
CA ASN A 139 -3.72 -19.46 5.79
C ASN A 139 -2.30 -19.83 5.40
N GLU A 140 -2.01 -21.14 5.51
N GLU A 140 -2.00 -21.13 5.52
CA GLU A 140 -0.71 -21.74 5.21
CA GLU A 140 -0.66 -21.68 5.23
C GLU A 140 -0.26 -21.39 3.79
C GLU A 140 -0.25 -21.46 3.77
N LYS A 141 -1.23 -21.26 2.87
CA LYS A 141 -1.01 -21.02 1.46
C LYS A 141 -0.62 -19.57 1.13
N SER A 142 -0.75 -18.62 2.10
CA SER A 142 -0.46 -17.18 1.88
C SER A 142 0.94 -16.89 1.34
N VAL A 143 0.99 -16.27 0.18
CA VAL A 143 2.22 -15.88 -0.49
C VAL A 143 2.71 -14.55 0.10
N ARG A 144 1.79 -13.58 0.26
CA ARG A 144 2.18 -12.25 0.76
C ARG A 144 2.71 -12.30 2.19
N ALA A 145 2.32 -13.31 2.98
CA ALA A 145 2.85 -13.46 4.34
C ALA A 145 4.36 -13.81 4.28
N ARG A 146 4.73 -14.69 3.34
CA ARG A 146 6.10 -15.13 3.08
C ARG A 146 6.91 -13.95 2.56
N LEU A 147 6.31 -13.12 1.71
CA LEU A 147 6.95 -11.91 1.18
C LEU A 147 7.18 -10.89 2.29
N GLY A 148 6.23 -10.77 3.21
CA GLY A 148 6.37 -9.94 4.39
C GLY A 148 7.63 -10.33 5.15
N HIS A 149 7.82 -11.65 5.37
CA HIS A 149 9.00 -12.21 6.02
C HIS A 149 10.28 -11.87 5.24
N ALA A 150 10.23 -11.98 3.90
CA ALA A 150 11.34 -11.68 3.01
C ALA A 150 11.78 -10.19 3.16
N ILE A 151 10.81 -9.28 3.15
CA ILE A 151 11.07 -7.83 3.26
C ILE A 151 11.63 -7.53 4.65
N LEU A 152 11.01 -8.09 5.69
CA LEU A 152 11.42 -7.97 7.10
C LEU A 152 12.89 -8.38 7.32
N GLU A 153 13.27 -9.56 6.81
CA GLU A 153 14.62 -10.13 6.96
C GLU A 153 15.64 -9.27 6.29
N LYS A 154 15.34 -8.76 5.09
CA LYS A 154 16.19 -7.82 4.37
C LYS A 154 16.41 -6.54 5.23
N MSE A 155 15.33 -5.94 5.77
CA MSE A 155 15.44 -4.71 6.58
C MSE A 155 16.21 -4.92 7.90
O MSE A 155 16.83 -3.99 8.41
CB MSE A 155 14.07 -4.12 6.85
CG MSE A 155 13.31 -3.69 5.59
SE MSE A 155 14.26 -2.50 4.33
CE MSE A 155 14.97 -1.15 5.65
N ARG A 156 16.17 -6.16 8.45
CA ARG A 156 16.88 -6.60 9.65
C ARG A 156 18.38 -6.85 9.40
N GLY A 157 18.74 -7.02 8.14
CA GLY A 157 20.10 -7.36 7.73
C GLY A 157 20.33 -8.86 7.61
N ASN A 158 19.26 -9.70 7.68
CA ASN A 158 19.42 -11.16 7.51
C ASN A 158 19.19 -11.49 6.06
N TYR A 159 20.12 -11.01 5.23
CA TYR A 159 20.12 -11.06 3.78
C TYR A 159 20.02 -12.46 3.22
N ASP A 160 20.66 -13.44 3.86
CA ASP A 160 20.62 -14.83 3.40
C ASP A 160 19.26 -15.45 3.62
N GLU A 161 18.59 -15.06 4.72
CA GLU A 161 17.26 -15.57 5.00
C GLU A 161 16.29 -14.96 3.97
N SER A 162 16.42 -13.65 3.76
CA SER A 162 15.64 -12.93 2.80
C SER A 162 15.78 -13.53 1.39
N GLU A 163 17.04 -13.83 1.01
CA GLU A 163 17.34 -14.39 -0.30
C GLU A 163 16.74 -15.78 -0.45
N ARG A 164 16.82 -16.60 0.62
CA ARG A 164 16.24 -17.93 0.60
C ARG A 164 14.73 -17.87 0.30
N ILE A 165 14.01 -16.93 0.96
CA ILE A 165 12.55 -16.75 0.81
C ILE A 165 12.23 -16.31 -0.63
N PHE A 166 12.93 -15.28 -1.14
CA PHE A 166 12.72 -14.80 -2.50
C PHE A 166 13.04 -15.88 -3.50
N ASN A 167 14.09 -16.68 -3.26
CA ASN A 167 14.41 -17.75 -4.21
C ASN A 167 13.29 -18.80 -4.23
N TYR A 168 12.73 -19.12 -3.05
CA TYR A 168 11.65 -20.08 -2.94
C TYR A 168 10.40 -19.59 -3.68
N LEU A 169 9.97 -18.33 -3.43
CA LEU A 169 8.78 -17.73 -4.02
C LEU A 169 8.87 -17.67 -5.54
N ILE A 170 10.06 -17.31 -6.05
CA ILE A 170 10.36 -17.18 -7.49
C ILE A 170 10.38 -18.58 -8.11
N SER A 171 10.89 -19.60 -7.41
CA SER A 171 10.86 -20.99 -7.92
C SER A 171 9.40 -21.49 -8.06
N GLU A 172 8.52 -21.05 -7.13
CA GLU A 172 7.10 -21.39 -7.09
C GLU A 172 6.32 -20.68 -8.18
N MSE A 173 6.53 -19.35 -8.35
CA MSE A 173 5.90 -18.51 -9.37
C MSE A 173 7.00 -17.86 -10.22
O MSE A 173 7.28 -16.67 -10.05
CB MSE A 173 4.97 -17.47 -8.71
CG MSE A 173 3.76 -18.09 -8.03
SE MSE A 173 2.68 -19.25 -9.20
CE MSE A 173 1.85 -17.82 -10.28
N PRO A 174 7.66 -18.63 -11.13
CA PRO A 174 8.79 -18.07 -11.90
C PRO A 174 8.48 -16.93 -12.86
N ARG A 175 7.19 -16.57 -13.03
CA ARG A 175 6.81 -15.50 -13.92
C ARG A 175 6.06 -14.38 -13.18
N ASP A 176 6.04 -14.42 -11.83
CA ASP A 176 5.46 -13.34 -11.02
C ASP A 176 6.58 -12.30 -10.89
N TRP A 177 6.69 -11.47 -11.92
CA TRP A 177 7.74 -10.47 -12.10
C TRP A 177 7.99 -9.53 -10.90
N ILE A 178 6.96 -9.15 -10.14
CA ILE A 178 7.12 -8.24 -8.99
C ILE A 178 8.02 -8.85 -7.87
N LEU A 179 8.20 -10.17 -7.92
CA LEU A 179 9.07 -10.86 -6.97
C LEU A 179 10.54 -10.57 -7.31
N TYR A 180 10.86 -10.44 -8.61
CA TYR A 180 12.20 -10.14 -9.10
C TYR A 180 12.62 -8.73 -8.71
N GLU A 181 11.63 -7.83 -8.57
CA GLU A 181 11.80 -6.45 -8.13
C GLU A 181 12.19 -6.40 -6.65
N GLY A 182 11.60 -7.28 -5.86
CA GLY A 182 11.89 -7.42 -4.44
C GLY A 182 13.27 -8.03 -4.23
N ARG A 183 13.57 -9.11 -4.97
CA ARG A 183 14.86 -9.76 -4.91
C ARG A 183 15.98 -8.82 -5.39
N ALA A 184 15.75 -8.06 -6.50
CA ALA A 184 16.75 -7.10 -7.00
C ALA A 184 17.08 -6.07 -5.92
N ASP A 185 16.06 -5.57 -5.20
CA ASP A 185 16.24 -4.58 -4.14
C ASP A 185 17.08 -5.16 -3.01
N LEU A 186 16.87 -6.45 -2.72
CA LEU A 186 17.66 -7.17 -1.70
C LEU A 186 19.11 -7.25 -2.15
N TYR A 187 19.35 -7.61 -3.43
CA TYR A 187 20.70 -7.73 -3.96
C TYR A 187 21.42 -6.37 -3.93
N PHE A 188 20.70 -5.28 -4.23
CA PHE A 188 21.30 -3.95 -4.17
C PHE A 188 21.69 -3.63 -2.75
N MSE A 189 20.78 -3.86 -1.77
CA MSE A 189 21.08 -3.60 -0.36
C MSE A 189 22.23 -4.48 0.16
O MSE A 189 22.81 -4.17 1.20
CB MSE A 189 19.86 -3.80 0.51
CG MSE A 189 18.84 -2.71 0.34
SE MSE A 189 17.38 -2.93 1.61
CE MSE A 189 18.40 -2.58 3.37
N MSE A 190 22.54 -5.56 -0.56
CA MSE A 190 23.60 -6.50 -0.20
C MSE A 190 24.95 -6.10 -0.81
O MSE A 190 25.96 -6.74 -0.48
CB MSE A 190 23.24 -7.92 -0.69
CG MSE A 190 22.26 -8.63 0.18
SE MSE A 190 21.88 -10.39 -0.55
CE MSE A 190 23.48 -11.35 0.18
N GLY A 191 24.94 -5.12 -1.73
CA GLY A 191 26.11 -4.66 -2.48
C GLY A 191 26.37 -5.48 -3.73
N LYS A 192 25.43 -6.39 -4.05
CA LYS A 192 25.50 -7.31 -5.19
C LYS A 192 24.82 -6.67 -6.40
N ASN A 193 25.41 -5.58 -6.90
CA ASN A 193 24.86 -4.79 -8.00
C ASN A 193 24.77 -5.56 -9.32
N ALA A 194 25.79 -6.30 -9.72
CA ALA A 194 25.70 -7.01 -10.99
C ALA A 194 24.58 -8.06 -10.93
N ARG A 195 24.46 -8.79 -9.78
CA ARG A 195 23.40 -9.79 -9.59
C ARG A 195 22.00 -9.12 -9.63
N ALA A 196 21.88 -7.92 -9.00
CA ALA A 196 20.65 -7.14 -8.98
C ALA A 196 20.22 -6.78 -10.39
N MSE A 197 21.20 -6.39 -11.23
CA MSE A 197 20.97 -5.99 -12.63
C MSE A 197 20.43 -7.15 -13.46
O MSE A 197 19.62 -6.90 -14.34
CB MSE A 197 22.23 -5.45 -13.29
CG MSE A 197 22.56 -4.01 -12.88
SE MSE A 197 21.16 -2.70 -13.32
CE MSE A 197 20.38 -3.59 -15.17
N ALA A 198 20.88 -8.38 -13.16
CA ALA A 198 20.39 -9.58 -13.84
C ALA A 198 18.89 -9.68 -13.63
N ASP A 199 18.43 -9.54 -12.37
CA ASP A 199 17.01 -9.55 -11.99
C ASP A 199 16.26 -8.39 -12.63
N ILE A 200 16.86 -7.18 -12.59
CA ILE A 200 16.26 -5.97 -13.19
C ILE A 200 16.06 -6.15 -14.71
N GLU A 201 17.05 -6.73 -15.39
CA GLU A 201 17.05 -7.00 -16.83
C GLU A 201 15.91 -7.95 -17.19
N LYS A 202 15.60 -8.90 -16.30
CA LYS A 202 14.55 -9.88 -16.52
C LYS A 202 13.18 -9.19 -16.57
N VAL A 203 12.93 -8.27 -15.65
CA VAL A 203 11.66 -7.54 -15.54
C VAL A 203 11.49 -6.61 -16.76
N PHE A 204 12.58 -5.90 -17.12
CA PHE A 204 12.57 -4.97 -18.23
C PHE A 204 12.32 -5.70 -19.53
N THR A 205 12.86 -6.93 -19.69
CA THR A 205 12.71 -7.70 -20.92
C THR A 205 11.30 -8.34 -21.05
N GLU A 206 10.74 -8.83 -19.95
CA GLU A 206 9.49 -9.59 -19.93
C GLU A 206 8.25 -8.86 -19.45
N SER A 207 8.38 -7.68 -18.85
CA SER A 207 7.23 -6.99 -18.25
C SER A 207 7.37 -5.44 -18.37
N GLU A 208 6.59 -4.71 -17.56
CA GLU A 208 6.57 -3.25 -17.48
C GLU A 208 7.02 -2.86 -16.05
N PRO A 209 8.29 -2.41 -15.88
CA PRO A 209 8.79 -2.11 -14.53
C PRO A 209 8.04 -0.97 -13.82
N THR A 210 8.12 -0.99 -12.48
CA THR A 210 7.56 0.06 -11.64
C THR A 210 8.55 1.22 -11.60
N ALA A 211 8.11 2.39 -11.10
CA ALA A 211 8.93 3.57 -10.92
C ALA A 211 10.12 3.25 -10.01
N ASN A 212 9.85 2.43 -8.95
CA ASN A 212 10.81 1.96 -7.96
C ASN A 212 11.98 1.23 -8.63
N LEU A 213 11.68 0.43 -9.67
CA LEU A 213 12.69 -0.31 -10.39
C LEU A 213 13.53 0.62 -11.26
N TYR A 214 12.94 1.75 -11.74
CA TYR A 214 13.72 2.72 -12.51
C TYR A 214 14.69 3.43 -11.56
N VAL A 215 14.24 3.76 -10.33
CA VAL A 215 15.10 4.36 -9.29
C VAL A 215 16.24 3.39 -8.97
N LEU A 216 15.90 2.10 -8.75
CA LEU A 216 16.83 1.01 -8.45
C LEU A 216 17.89 0.87 -9.56
N ARG A 217 17.45 0.80 -10.84
CA ARG A 217 18.40 0.76 -11.95
C ARG A 217 19.24 2.05 -12.04
N GLY A 218 18.63 3.19 -11.73
CA GLY A 218 19.31 4.48 -11.75
C GLY A 218 20.41 4.57 -10.71
N LYS A 219 20.11 4.06 -9.50
CA LYS A 219 21.02 4.03 -8.37
C LYS A 219 22.21 3.14 -8.66
N ILE A 220 21.98 2.03 -9.39
CA ILE A 220 23.06 1.09 -9.77
C ILE A 220 23.89 1.76 -10.84
N LYS A 221 23.24 2.35 -11.86
CA LYS A 221 23.94 3.08 -12.92
C LYS A 221 24.83 4.16 -12.28
N LEU A 222 24.34 4.87 -11.22
CA LEU A 222 25.13 5.84 -10.46
C LEU A 222 26.42 5.17 -9.94
N ALA A 223 26.29 4.02 -9.23
CA ALA A 223 27.41 3.27 -8.65
C ALA A 223 28.39 2.79 -9.73
N GLN A 224 27.89 2.55 -10.96
CA GLN A 224 28.70 2.10 -12.11
C GLN A 224 29.35 3.32 -12.82
N TYR A 225 29.28 4.51 -12.19
CA TYR A 225 29.84 5.79 -12.67
C TYR A 225 29.26 6.16 -14.05
N GLU A 226 27.95 5.97 -14.24
CA GLU A 226 27.18 6.26 -15.46
C GLU A 226 26.03 7.19 -15.11
N LYS A 227 26.41 8.43 -14.73
CA LYS A 227 25.56 9.53 -14.27
C LYS A 227 24.49 9.96 -15.29
N GLU A 228 24.83 10.00 -16.60
CA GLU A 228 23.90 10.41 -17.65
C GLU A 228 22.81 9.35 -17.85
N ARG A 229 23.21 8.06 -17.83
CA ARG A 229 22.27 6.95 -17.95
C ARG A 229 21.34 6.89 -16.69
N ALA A 230 21.92 7.12 -15.49
CA ALA A 230 21.18 7.15 -14.23
C ALA A 230 20.08 8.22 -14.25
N ALA A 231 20.46 9.46 -14.65
CA ALA A 231 19.53 10.59 -14.74
C ALA A 231 18.32 10.27 -15.62
N LEU A 232 18.56 9.59 -16.77
CA LEU A 232 17.50 9.21 -17.71
C LEU A 232 16.46 8.33 -17.00
N ASP A 233 16.94 7.38 -16.16
CA ASP A 233 16.11 6.50 -15.35
C ASP A 233 15.40 7.27 -14.23
N PHE A 234 16.12 8.19 -13.52
CA PHE A 234 15.49 9.01 -12.47
C PHE A 234 14.39 9.87 -13.06
N LYS A 235 14.62 10.49 -14.26
CA LYS A 235 13.59 11.29 -14.93
C LYS A 235 12.37 10.44 -15.27
N LYS A 236 12.59 9.22 -15.79
CA LYS A 236 11.54 8.29 -16.15
C LYS A 236 10.68 7.91 -14.88
N ALA A 237 11.35 7.62 -13.74
CA ALA A 237 10.66 7.31 -12.48
C ALA A 237 9.84 8.53 -11.99
N GLU A 238 10.35 9.77 -12.18
CA GLU A 238 9.63 10.99 -11.80
C GLU A 238 8.32 11.11 -12.62
N SER A 239 8.45 10.90 -13.96
CA SER A 239 7.32 10.92 -14.89
C SER A 239 6.28 9.85 -14.53
N MSE A 240 6.65 8.89 -13.64
CA MSE A 240 5.79 7.79 -13.19
C MSE A 240 5.23 8.01 -11.78
O MSE A 240 4.53 7.14 -11.24
CB MSE A 240 6.57 6.47 -13.28
CG MSE A 240 6.75 6.00 -14.71
SE MSE A 240 7.87 4.44 -14.88
CE MSE A 240 6.56 3.10 -14.25
N GLY A 241 5.52 9.18 -11.20
CA GLY A 241 5.01 9.56 -9.88
C GLY A 241 5.82 9.18 -8.67
N TYR A 242 7.14 8.92 -8.83
CA TYR A 242 8.02 8.64 -7.68
C TYR A 242 8.21 9.91 -6.87
N ASN A 243 8.35 9.81 -5.52
CA ASN A 243 8.57 10.95 -4.61
C ASN A 243 9.46 12.02 -5.24
N LYS A 244 8.84 13.18 -5.53
CA LYS A 244 9.42 14.36 -6.18
C LYS A 244 10.59 14.94 -5.39
N GLU A 245 10.55 14.90 -4.05
CA GLU A 245 11.64 15.41 -3.19
C GLU A 245 12.89 14.55 -3.32
N VAL A 246 12.71 13.20 -3.16
CA VAL A 246 13.77 12.19 -3.22
C VAL A 246 14.31 12.11 -4.64
N ILE A 247 13.41 12.13 -5.65
CA ILE A 247 13.84 12.08 -7.06
C ILE A 247 14.67 13.33 -7.38
N LYS A 248 14.36 14.48 -6.73
CA LYS A 248 15.10 15.73 -6.88
C LYS A 248 16.56 15.57 -6.38
N GLU A 249 16.75 14.96 -5.18
CA GLU A 249 18.05 14.70 -4.56
C GLU A 249 18.91 13.71 -5.35
N LEU A 250 18.28 12.65 -5.94
CA LEU A 250 18.97 11.64 -6.74
C LEU A 250 19.50 12.26 -8.01
N LEU A 251 18.67 13.08 -8.67
CA LEU A 251 19.04 13.83 -9.88
C LEU A 251 20.24 14.73 -9.64
N LYS A 252 20.33 15.40 -8.46
CA LYS A 252 21.50 16.25 -8.11
C LYS A 252 22.82 15.45 -8.11
N LEU A 253 22.76 14.13 -7.78
CA LEU A 253 23.95 13.29 -7.72
C LEU A 253 24.48 12.92 -9.13
N THR A 254 23.67 13.17 -10.18
CA THR A 254 24.04 12.93 -11.59
C THR A 254 24.61 14.18 -12.29
N MSE A 255 24.51 15.38 -11.64
CA MSE A 255 24.88 16.69 -12.20
C MSE A 255 26.29 17.19 -11.78
O MSE A 255 26.46 18.37 -11.48
CB MSE A 255 23.81 17.74 -11.88
CG MSE A 255 22.40 17.31 -12.34
SE MSE A 255 21.02 18.69 -12.32
CE MSE A 255 19.75 17.97 -11.04
N ASN A 256 27.30 16.25 -11.87
CA ASN A 256 28.74 16.40 -11.56
C ASN A 256 29.25 17.85 -11.62
N NO3 B . -37.30 16.58 5.13
O1 NO3 B . -37.68 17.39 4.30
O2 NO3 B . -37.22 15.38 4.90
O3 NO3 B . -36.97 17.01 6.34
C1 PEG C . -18.32 3.16 -3.46
O1 PEG C . -17.99 2.74 -2.15
C2 PEG C . -17.13 3.65 -4.22
O2 PEG C . -16.40 2.56 -4.75
C3 PEG C . -15.15 2.36 -4.12
C4 PEG C . -14.55 1.05 -4.53
O4 PEG C . -13.23 0.90 -4.00
C1 EDO D . 10.26 -2.97 -0.08
O1 EDO D . 10.86 -2.85 1.20
C2 EDO D . 8.88 -3.71 -0.02
O2 EDO D . 7.90 -3.00 0.74
C1 EDO E . -34.68 12.14 -4.95
O1 EDO E . -35.36 13.34 -4.66
C2 EDO E . -34.37 12.04 -6.46
O2 EDO E . -33.24 12.84 -6.79
C1 EDO F . -17.31 11.24 -15.19
O1 EDO F . -17.81 9.93 -15.51
C2 EDO F . -18.35 12.32 -15.62
O2 EDO F . -17.98 13.60 -15.12
C1 EDO G . 20.28 -10.30 -22.10
O1 EDO G . 19.82 -11.16 -21.05
C2 EDO G . 19.10 -9.71 -22.90
O2 EDO G . 18.09 -9.19 -22.05
C1 EDO H . -14.83 0.11 -0.44
O1 EDO H . -13.41 -0.06 -0.43
C2 EDO H . -15.34 0.69 0.92
O2 EDO H . -16.27 1.74 0.69
C1 EDO I . -0.64 -3.42 1.10
O1 EDO I . -0.33 -2.09 1.47
C2 EDO I . -2.16 -3.58 0.87
O2 EDO I . -2.47 -4.90 0.42
#